data_2O21
#
_entry.id   2O21
#
loop_
_entity.id
_entity.type
_entity.pdbx_description
1 polymer 'Apoptosis regulator Bcl-2'
2 non-polymer 3-NITRO-N-{4-[2-(2-PHENYLETHYL)-1,3-BENZOTHIAZOL-5-YL]BENZOYL}-4-{[2-(PHENYLSULFANYL)ETHYL]AMINO}BENZENESULFONAMIDE
#
_entity_poly.entity_id   1
_entity_poly.type   'polypeptide(L)'
_entity_poly.pdbx_seq_one_letter_code
;HAGRTGYDNREIVMKYIHYKLSQRGYEWDAGDDVEENRTEAPEGTESEVVHLTLRQAGDDFSRRYRRDFAEMSSQLHLTP
FTARGRFATVVEELFRDGVNWGRIVAFFEFGGVMCVESVNREMSPLVDNIALWMTEYLNRHLHTWIQDNGGWDAFVELYG
PSMR
;
_entity_poly.pdbx_strand_id   A
#
# COMPACT_ATOMS: atom_id res chain seq x y z
N HIS A 1 24.08 -4.31 -5.95
CA HIS A 1 24.31 -2.86 -5.70
C HIS A 1 22.99 -2.14 -5.45
N ALA A 2 22.24 -2.63 -4.46
CA ALA A 2 20.97 -2.03 -4.11
C ALA A 2 20.47 -2.54 -2.76
N GLY A 3 21.06 -2.02 -1.68
CA GLY A 3 20.67 -2.44 -0.35
C GLY A 3 20.71 -3.95 -0.18
N ARG A 4 20.39 -4.42 1.03
CA ARG A 4 20.40 -5.85 1.31
C ARG A 4 19.14 -6.26 2.07
N THR A 5 18.05 -5.55 1.84
CA THR A 5 16.79 -5.84 2.50
C THR A 5 15.87 -6.64 1.60
N GLY A 6 15.84 -6.26 0.32
CA GLY A 6 15.01 -6.98 -0.65
C GLY A 6 13.58 -6.47 -0.68
N TYR A 7 13.38 -5.20 -0.31
CA TYR A 7 12.05 -4.62 -0.31
C TYR A 7 11.34 -4.87 -1.64
N ASP A 8 10.12 -5.38 -1.57
CA ASP A 8 9.35 -5.67 -2.77
C ASP A 8 8.04 -4.89 -2.76
N ASN A 9 7.84 -4.06 -3.79
CA ASN A 9 6.64 -3.25 -3.91
C ASN A 9 5.39 -4.08 -3.64
N ARG A 10 5.44 -5.36 -4.01
CA ARG A 10 4.32 -6.26 -3.81
C ARG A 10 4.15 -6.62 -2.33
N GLU A 11 5.26 -6.99 -1.69
CA GLU A 11 5.23 -7.38 -0.29
C GLU A 11 4.74 -6.25 0.61
N ILE A 12 5.35 -5.07 0.47
CA ILE A 12 4.98 -3.92 1.29
C ILE A 12 3.48 -3.63 1.21
N VAL A 13 2.92 -3.72 0.00
CA VAL A 13 1.50 -3.45 -0.18
C VAL A 13 0.66 -4.61 0.37
N MET A 14 1.21 -5.82 0.28
CA MET A 14 0.52 -7.01 0.77
C MET A 14 0.39 -6.99 2.28
N LYS A 15 1.42 -6.48 2.95
CA LYS A 15 1.43 -6.39 4.41
C LYS A 15 0.52 -5.27 4.89
N TYR A 16 0.68 -4.09 4.31
CA TYR A 16 -0.11 -2.92 4.67
C TYR A 16 -1.61 -3.21 4.52
N ILE A 17 -1.99 -3.73 3.35
CA ILE A 17 -3.39 -4.05 3.08
C ILE A 17 -3.85 -5.21 3.94
N HIS A 18 -2.95 -6.16 4.20
CA HIS A 18 -3.28 -7.33 5.02
C HIS A 18 -3.67 -6.90 6.43
N TYR A 19 -2.98 -5.91 6.96
CA TYR A 19 -3.26 -5.40 8.30
C TYR A 19 -4.61 -4.71 8.35
N LYS A 20 -4.92 -3.95 7.29
CA LYS A 20 -6.18 -3.24 7.22
C LYS A 20 -7.36 -4.19 7.37
N LEU A 21 -7.28 -5.33 6.70
CA LEU A 21 -8.33 -6.33 6.76
C LEU A 21 -8.34 -7.04 8.11
N SER A 22 -7.15 -7.25 8.68
CA SER A 22 -7.03 -7.90 9.97
C SER A 22 -7.89 -7.21 11.03
N GLN A 23 -7.95 -5.88 10.95
CA GLN A 23 -8.74 -5.09 11.89
C GLN A 23 -10.18 -5.61 11.95
N ARG A 24 -10.68 -6.08 10.81
CA ARG A 24 -12.03 -6.62 10.73
C ARG A 24 -12.08 -8.10 11.08
N GLY A 25 -10.95 -8.78 10.90
CA GLY A 25 -10.88 -10.20 11.19
C GLY A 25 -11.03 -11.08 9.95
N TYR A 26 -11.06 -10.46 8.77
CA TYR A 26 -11.19 -11.21 7.53
C TYR A 26 -9.89 -11.91 7.17
N GLU A 27 -9.94 -13.24 7.14
CA GLU A 27 -8.77 -14.04 6.82
C GLU A 27 -8.44 -13.95 5.33
N TRP A 28 -8.06 -12.76 4.88
CA TRP A 28 -7.72 -12.53 3.48
C TRP A 28 -6.76 -13.60 2.97
N ASP A 29 -7.21 -14.37 1.98
CA ASP A 29 -6.38 -15.42 1.40
C ASP A 29 -5.24 -14.83 0.59
N ALA A 30 -4.32 -14.17 1.28
CA ALA A 30 -3.17 -13.53 0.64
C ALA A 30 -2.16 -14.58 0.18
N GLY A 31 -1.37 -15.10 1.12
CA GLY A 31 -0.37 -16.09 0.80
C GLY A 31 -0.98 -17.43 0.45
N ASP A 32 -1.65 -17.49 -0.71
CA ASP A 32 -2.28 -18.74 -1.15
C ASP A 32 -1.30 -19.91 -1.06
N ASP A 33 -0.01 -19.62 -1.22
CA ASP A 33 1.01 -20.65 -1.16
C ASP A 33 1.38 -20.96 0.30
N VAL A 34 0.40 -21.42 1.06
CA VAL A 34 0.62 -21.76 2.46
C VAL A 34 1.25 -23.13 2.61
N GLU A 35 2.51 -23.25 2.19
CA GLU A 35 3.23 -24.51 2.28
C GLU A 35 4.53 -24.35 3.05
N GLU A 36 4.54 -23.42 4.00
CA GLU A 36 5.72 -23.16 4.81
C GLU A 36 6.90 -22.73 3.94
N ASN A 37 6.99 -21.44 3.68
CA ASN A 37 8.08 -20.90 2.86
C ASN A 37 9.07 -20.13 3.72
N ARG A 38 10.23 -20.74 3.96
CA ARG A 38 11.27 -20.11 4.76
C ARG A 38 12.18 -19.25 3.89
N THR A 39 12.93 -19.90 3.01
CA THR A 39 13.85 -19.20 2.12
C THR A 39 15.03 -18.62 2.89
N GLU A 40 14.75 -17.63 3.74
CA GLU A 40 15.78 -16.99 4.54
C GLU A 40 15.21 -16.50 5.87
N ALA A 41 14.24 -17.23 6.40
CA ALA A 41 13.62 -16.88 7.67
C ALA A 41 12.81 -15.59 7.53
N PRO A 42 11.77 -15.43 8.36
CA PRO A 42 10.92 -14.24 8.35
C PRO A 42 11.62 -13.00 8.89
N GLU A 43 12.65 -13.22 9.71
CA GLU A 43 13.42 -12.13 10.29
C GLU A 43 13.77 -11.07 9.25
N GLY A 44 13.35 -9.84 9.50
CA GLY A 44 13.63 -8.76 8.57
C GLY A 44 13.72 -7.41 9.27
N THR A 45 14.53 -7.34 10.32
CA THR A 45 14.69 -6.10 11.08
C THR A 45 14.93 -4.91 10.15
N GLU A 46 15.55 -5.18 9.00
CA GLU A 46 15.83 -4.13 8.03
C GLU A 46 14.54 -3.46 7.55
N SER A 47 13.73 -4.22 6.83
CA SER A 47 12.46 -3.70 6.31
C SER A 47 11.39 -3.61 7.40
N GLU A 48 11.71 -4.06 8.62
CA GLU A 48 10.76 -4.01 9.71
C GLU A 48 10.54 -2.59 10.20
N VAL A 49 11.63 -1.82 10.26
CA VAL A 49 11.56 -0.43 10.70
C VAL A 49 10.64 0.40 9.81
N VAL A 50 10.77 0.22 8.50
CA VAL A 50 9.94 0.95 7.55
C VAL A 50 8.52 0.40 7.52
N HIS A 51 8.37 -0.90 7.78
CA HIS A 51 7.05 -1.53 7.80
C HIS A 51 6.12 -0.81 8.77
N LEU A 52 6.66 -0.45 9.93
CA LEU A 52 5.87 0.24 10.95
C LEU A 52 5.60 1.68 10.53
N THR A 53 6.65 2.37 10.11
CA THR A 53 6.54 3.76 9.69
C THR A 53 5.52 3.90 8.56
N LEU A 54 5.67 3.08 7.52
CA LEU A 54 4.76 3.12 6.38
C LEU A 54 3.35 2.72 6.81
N ARG A 55 3.26 1.70 7.67
CA ARG A 55 1.97 1.22 8.15
C ARG A 55 1.26 2.31 8.94
N GLN A 56 1.99 2.92 9.88
CA GLN A 56 1.43 3.98 10.71
C GLN A 56 1.21 5.25 9.89
N ALA A 57 2.07 5.46 8.90
CA ALA A 57 1.99 6.63 8.04
C ALA A 57 0.57 6.81 7.49
N GLY A 58 0.02 5.74 6.91
CA GLY A 58 -1.32 5.82 6.36
C GLY A 58 -2.37 6.10 7.41
N ASP A 59 -2.27 5.42 8.54
CA ASP A 59 -3.24 5.60 9.63
C ASP A 59 -3.34 7.05 10.04
N ASP A 60 -2.20 7.67 10.32
CA ASP A 60 -2.15 9.06 10.73
C ASP A 60 -2.78 9.98 9.68
N PHE A 61 -2.66 9.60 8.42
CA PHE A 61 -3.21 10.39 7.33
C PHE A 61 -4.74 10.28 7.29
N SER A 62 -5.23 9.04 7.32
CA SER A 62 -6.66 8.78 7.29
C SER A 62 -7.39 9.53 8.41
N ARG A 63 -6.72 9.66 9.55
CA ARG A 63 -7.31 10.35 10.70
C ARG A 63 -7.37 11.86 10.45
N ARG A 64 -6.44 12.38 9.66
CA ARG A 64 -6.40 13.80 9.36
C ARG A 64 -7.42 14.16 8.29
N TYR A 65 -7.47 13.36 7.23
CA TYR A 65 -8.40 13.59 6.13
C TYR A 65 -9.55 12.58 6.18
N ARG A 66 -10.56 12.88 7.00
CA ARG A 66 -11.71 11.99 7.14
C ARG A 66 -12.92 12.54 6.40
N ARG A 67 -12.68 13.21 5.28
CA ARG A 67 -13.75 13.79 4.49
C ARG A 67 -13.26 14.17 3.09
N ASP A 68 -12.35 13.39 2.56
CA ASP A 68 -11.80 13.64 1.23
C ASP A 68 -11.91 12.39 0.35
N PHE A 69 -11.12 11.37 0.66
CA PHE A 69 -11.13 10.13 -0.10
C PHE A 69 -12.39 9.31 0.22
N ALA A 70 -12.91 9.48 1.43
CA ALA A 70 -14.11 8.75 1.83
C ALA A 70 -15.27 9.07 0.91
N GLU A 71 -15.37 10.33 0.51
CA GLU A 71 -16.43 10.79 -0.38
C GLU A 71 -16.25 10.26 -1.80
N MET A 72 -15.06 10.48 -2.35
CA MET A 72 -14.76 10.04 -3.71
C MET A 72 -15.02 8.54 -3.87
N SER A 73 -14.92 7.81 -2.77
CA SER A 73 -15.16 6.37 -2.80
C SER A 73 -16.50 6.05 -3.44
N SER A 74 -17.49 6.89 -3.19
CA SER A 74 -18.83 6.69 -3.75
C SER A 74 -18.79 6.78 -5.28
N GLN A 75 -17.89 7.61 -5.80
CA GLN A 75 -17.75 7.79 -7.23
C GLN A 75 -17.19 6.52 -7.88
N LEU A 76 -16.32 5.83 -7.16
CA LEU A 76 -15.70 4.60 -7.67
C LEU A 76 -16.77 3.60 -8.12
N HIS A 77 -17.88 3.57 -7.40
CA HIS A 77 -18.97 2.66 -7.72
C HIS A 77 -18.61 1.23 -7.34
N LEU A 78 -19.41 0.27 -7.80
CA LEU A 78 -19.17 -1.14 -7.50
C LEU A 78 -19.25 -2.00 -8.77
N THR A 79 -18.12 -2.54 -9.17
CA THR A 79 -18.05 -3.39 -10.36
C THR A 79 -16.61 -3.82 -10.63
N PRO A 80 -16.42 -5.06 -11.13
CA PRO A 80 -15.09 -5.59 -11.41
C PRO A 80 -14.48 -5.03 -12.68
N PHE A 81 -15.34 -4.69 -13.65
CA PHE A 81 -14.87 -4.14 -14.92
C PHE A 81 -14.30 -2.73 -14.76
N THR A 82 -15.11 -1.84 -14.19
CA THR A 82 -14.69 -0.46 -13.99
C THR A 82 -13.69 -0.34 -12.83
N ALA A 83 -13.77 -1.26 -11.88
CA ALA A 83 -12.88 -1.23 -10.73
C ALA A 83 -11.41 -1.10 -11.16
N ARG A 84 -11.01 -1.92 -12.13
CA ARG A 84 -9.64 -1.89 -12.62
C ARG A 84 -9.31 -0.59 -13.34
N GLY A 85 -10.30 -0.04 -14.05
CA GLY A 85 -10.08 1.20 -14.77
C GLY A 85 -10.21 2.43 -13.89
N ARG A 86 -10.97 2.31 -12.81
CA ARG A 86 -11.17 3.41 -11.89
C ARG A 86 -9.93 3.64 -11.04
N PHE A 87 -9.24 2.56 -10.70
CA PHE A 87 -8.04 2.65 -9.88
C PHE A 87 -6.99 3.55 -10.54
N ALA A 88 -6.66 3.24 -11.79
CA ALA A 88 -5.68 4.02 -12.54
C ALA A 88 -6.11 5.48 -12.68
N THR A 89 -7.41 5.70 -12.84
CA THR A 89 -7.94 7.05 -12.98
C THR A 89 -7.78 7.86 -11.70
N VAL A 90 -7.83 7.17 -10.56
CA VAL A 90 -7.70 7.83 -9.28
C VAL A 90 -6.24 8.17 -8.97
N VAL A 91 -5.37 7.16 -9.02
CA VAL A 91 -3.96 7.36 -8.75
C VAL A 91 -3.37 8.45 -9.64
N GLU A 92 -3.79 8.46 -10.90
CA GLU A 92 -3.30 9.44 -11.86
C GLU A 92 -3.42 10.85 -11.30
N GLU A 93 -4.51 11.09 -10.56
CA GLU A 93 -4.75 12.40 -9.96
C GLU A 93 -3.90 12.61 -8.71
N LEU A 94 -3.55 11.50 -8.04
CA LEU A 94 -2.75 11.57 -6.83
C LEU A 94 -1.44 12.33 -7.09
N PHE A 95 -0.89 12.13 -8.29
CA PHE A 95 0.35 12.81 -8.67
C PHE A 95 0.21 13.43 -10.06
N ARG A 96 -0.30 14.65 -10.12
CA ARG A 96 -0.48 15.35 -11.38
C ARG A 96 0.82 16.00 -11.84
N ASP A 97 1.41 16.80 -10.96
CA ASP A 97 2.67 17.48 -11.28
C ASP A 97 3.86 16.57 -11.07
N GLY A 98 4.13 16.23 -9.82
CA GLY A 98 5.25 15.36 -9.50
C GLY A 98 4.98 14.50 -8.29
N VAL A 99 5.89 13.56 -8.01
CA VAL A 99 5.74 12.67 -6.87
C VAL A 99 6.56 13.18 -5.68
N ASN A 100 6.18 12.73 -4.49
CA ASN A 100 6.87 13.14 -3.27
C ASN A 100 6.43 12.30 -2.08
N TRP A 101 7.35 12.05 -1.16
CA TRP A 101 7.04 11.26 0.03
C TRP A 101 5.73 11.71 0.67
N GLY A 102 5.40 12.98 0.50
CA GLY A 102 4.17 13.51 1.05
C GLY A 102 2.93 12.94 0.39
N ARG A 103 2.94 12.88 -0.93
CA ARG A 103 1.79 12.37 -1.69
C ARG A 103 1.66 10.85 -1.63
N ILE A 104 2.78 10.15 -1.70
CA ILE A 104 2.78 8.68 -1.70
C ILE A 104 1.99 8.09 -0.54
N VAL A 105 2.03 8.75 0.62
CA VAL A 105 1.31 8.25 1.79
C VAL A 105 -0.15 8.03 1.47
N ALA A 106 -0.70 8.89 0.63
CA ALA A 106 -2.10 8.77 0.22
C ALA A 106 -2.29 7.56 -0.68
N PHE A 107 -1.23 7.18 -1.40
CA PHE A 107 -1.27 6.04 -2.32
C PHE A 107 -1.73 4.77 -1.59
N PHE A 108 -1.07 4.46 -0.48
CA PHE A 108 -1.42 3.26 0.29
C PHE A 108 -2.89 3.29 0.70
N GLU A 109 -3.31 4.41 1.27
CA GLU A 109 -4.70 4.57 1.71
C GLU A 109 -5.67 4.22 0.60
N PHE A 110 -5.42 4.73 -0.60
CA PHE A 110 -6.31 4.46 -1.74
C PHE A 110 -6.59 2.97 -1.88
N GLY A 111 -5.52 2.18 -1.95
CA GLY A 111 -5.67 0.74 -2.08
C GLY A 111 -6.57 0.18 -1.00
N GLY A 112 -6.28 0.54 0.24
CA GLY A 112 -7.08 0.05 1.36
C GLY A 112 -8.52 0.51 1.25
N VAL A 113 -8.72 1.72 0.74
CA VAL A 113 -10.06 2.27 0.59
C VAL A 113 -10.85 1.51 -0.47
N MET A 114 -10.20 1.23 -1.59
CA MET A 114 -10.83 0.50 -2.69
C MET A 114 -10.92 -0.98 -2.35
N CYS A 115 -9.94 -1.49 -1.62
CA CYS A 115 -9.92 -2.90 -1.23
C CYS A 115 -11.14 -3.24 -0.39
N VAL A 116 -11.32 -2.52 0.72
CA VAL A 116 -12.45 -2.76 1.61
C VAL A 116 -13.77 -2.57 0.89
N GLU A 117 -13.79 -1.63 -0.06
CA GLU A 117 -15.01 -1.36 -0.83
C GLU A 117 -15.56 -2.64 -1.43
N SER A 118 -14.67 -3.52 -1.87
CA SER A 118 -15.08 -4.79 -2.45
C SER A 118 -15.56 -5.75 -1.38
N VAL A 119 -14.85 -5.80 -0.26
CA VAL A 119 -15.21 -6.68 0.86
C VAL A 119 -16.58 -6.31 1.42
N ASN A 120 -16.90 -5.02 1.40
CA ASN A 120 -18.17 -4.54 1.91
C ASN A 120 -19.33 -5.27 1.23
N ARG A 121 -19.15 -5.60 -0.04
CA ARG A 121 -20.18 -6.29 -0.81
C ARG A 121 -20.00 -7.81 -0.70
N GLU A 122 -19.07 -8.35 -1.48
CA GLU A 122 -18.79 -9.79 -1.48
C GLU A 122 -17.69 -10.12 -2.48
N MET A 123 -16.67 -9.26 -2.55
CA MET A 123 -15.56 -9.48 -3.47
C MET A 123 -14.22 -9.46 -2.72
N SER A 124 -14.13 -10.24 -1.66
CA SER A 124 -12.90 -10.31 -0.87
C SER A 124 -11.70 -10.67 -1.75
N PRO A 125 -11.82 -11.72 -2.58
CA PRO A 125 -10.74 -12.15 -3.47
C PRO A 125 -10.16 -10.99 -4.28
N LEU A 126 -11.02 -10.05 -4.64
CA LEU A 126 -10.60 -8.88 -5.42
C LEU A 126 -9.49 -8.12 -4.72
N VAL A 127 -9.49 -8.17 -3.38
CA VAL A 127 -8.48 -7.49 -2.59
C VAL A 127 -7.07 -7.79 -3.12
N ASP A 128 -6.89 -9.02 -3.60
CA ASP A 128 -5.60 -9.44 -4.14
C ASP A 128 -5.29 -8.71 -5.44
N ASN A 129 -6.33 -8.54 -6.26
CA ASN A 129 -6.18 -7.86 -7.55
C ASN A 129 -5.69 -6.43 -7.35
N ILE A 130 -6.33 -5.71 -6.43
CA ILE A 130 -5.96 -4.33 -6.15
C ILE A 130 -4.48 -4.21 -5.85
N ALA A 131 -3.99 -5.07 -4.95
CA ALA A 131 -2.58 -5.05 -4.58
C ALA A 131 -1.68 -5.23 -5.80
N LEU A 132 -2.15 -6.02 -6.75
CA LEU A 132 -1.40 -6.29 -7.97
C LEU A 132 -1.19 -5.00 -8.77
N TRP A 133 -2.24 -4.21 -8.89
CA TRP A 133 -2.18 -2.95 -9.62
C TRP A 133 -1.44 -1.88 -8.83
N MET A 134 -1.55 -1.96 -7.50
CA MET A 134 -0.89 -1.00 -6.62
C MET A 134 0.62 -1.05 -6.79
N THR A 135 1.18 -2.26 -6.79
CA THR A 135 2.61 -2.45 -6.94
C THR A 135 3.08 -1.96 -8.31
N GLU A 136 2.24 -2.16 -9.32
CA GLU A 136 2.57 -1.74 -10.68
C GLU A 136 2.76 -0.23 -10.75
N TYR A 137 1.80 0.51 -10.22
CA TYR A 137 1.86 1.97 -10.23
C TYR A 137 2.95 2.47 -9.30
N LEU A 138 3.13 1.79 -8.17
CA LEU A 138 4.15 2.17 -7.20
C LEU A 138 5.55 1.91 -7.73
N ASN A 139 5.72 0.79 -8.44
CA ASN A 139 7.01 0.43 -8.99
C ASN A 139 7.26 1.15 -10.31
N ARG A 140 6.19 1.51 -11.01
CA ARG A 140 6.32 2.20 -12.29
C ARG A 140 6.45 3.72 -12.12
N HIS A 141 6.24 4.21 -10.90
CA HIS A 141 6.33 5.65 -10.64
C HIS A 141 7.13 5.94 -9.38
N LEU A 142 6.58 5.56 -8.23
CA LEU A 142 7.23 5.79 -6.95
C LEU A 142 8.66 5.23 -6.93
N HIS A 143 8.78 3.92 -7.16
CA HIS A 143 10.07 3.24 -7.17
C HIS A 143 11.15 4.07 -7.85
N THR A 144 10.86 4.55 -9.06
CA THR A 144 11.82 5.37 -9.79
C THR A 144 12.13 6.66 -9.05
N TRP A 145 11.11 7.24 -8.43
CA TRP A 145 11.26 8.48 -7.67
C TRP A 145 12.04 8.26 -6.39
N ILE A 146 11.73 7.17 -5.68
CA ILE A 146 12.41 6.86 -4.42
C ILE A 146 13.83 6.38 -4.68
N GLN A 147 13.98 5.49 -5.66
CA GLN A 147 15.30 4.96 -6.00
C GLN A 147 16.28 6.08 -6.31
N ASP A 148 15.83 7.05 -7.09
CA ASP A 148 16.68 8.18 -7.46
C ASP A 148 16.86 9.14 -6.28
N ASN A 149 15.86 9.20 -5.42
CA ASN A 149 15.92 10.07 -4.25
C ASN A 149 16.33 9.29 -3.00
N GLY A 150 17.55 8.74 -3.03
CA GLY A 150 18.04 7.97 -1.91
C GLY A 150 17.47 6.57 -1.87
N GLY A 151 16.20 6.46 -1.49
CA GLY A 151 15.55 5.16 -1.43
C GLY A 151 14.56 5.06 -0.29
N TRP A 152 14.26 3.85 0.14
CA TRP A 152 13.31 3.61 1.22
C TRP A 152 13.85 4.15 2.54
N ASP A 153 15.15 3.96 2.77
CA ASP A 153 15.78 4.41 4.00
C ASP A 153 15.55 5.90 4.23
N ALA A 154 15.32 6.65 3.14
CA ALA A 154 15.08 8.08 3.23
C ALA A 154 13.81 8.39 4.02
N PHE A 155 12.71 7.77 3.62
CA PHE A 155 11.42 7.98 4.28
C PHE A 155 11.52 7.71 5.79
N VAL A 156 11.99 6.52 6.14
CA VAL A 156 12.13 6.13 7.53
C VAL A 156 13.08 7.06 8.27
N GLU A 157 14.18 7.43 7.61
CA GLU A 157 15.17 8.32 8.21
C GLU A 157 14.60 9.72 8.40
N LEU A 158 13.89 10.20 7.39
CA LEU A 158 13.29 11.52 7.43
C LEU A 158 12.14 11.55 8.42
N TYR A 159 11.27 10.55 8.33
CA TYR A 159 10.12 10.45 9.22
C TYR A 159 10.26 9.28 10.18
N GLY A 160 11.32 9.31 10.98
CA GLY A 160 11.54 8.25 11.95
C GLY A 160 11.08 7.65 13.22
N PRO A 161 10.25 7.48 13.88
CA PRO A 161 9.53 7.63 15.16
C PRO A 161 10.42 8.24 16.24
N SER A 162 9.81 8.54 17.39
CA SER A 162 10.55 9.13 18.51
C SER A 162 11.78 8.30 18.85
N MET A 163 12.94 8.93 18.82
CA MET A 163 14.20 8.26 19.14
C MET A 163 14.50 7.16 18.13
N ARG A 164 13.88 5.99 18.31
CA ARG A 164 14.09 4.86 17.42
C ARG A 164 13.17 4.94 16.21
#